data_4CSE
#
_entry.id   4CSE
#
_cell.length_a   50.220
_cell.length_b   67.730
_cell.length_c   104.020
_cell.angle_alpha   90.00
_cell.angle_beta   90.00
_cell.angle_gamma   90.00
#
_symmetry.space_group_name_H-M   'P 21 21 21'
#
loop_
_entity.id
_entity.type
_entity.pdbx_description
1 polymer 'PIH1 DOMAIN-CONTAINING PROTEIN 1'
2 polymer 'TELOMERE LENGTH REGULATION PROTEIN TEL2 HOMOLOG'
3 water water
#
loop_
_entity_poly.entity_id
_entity_poly.type
_entity_poly.pdbx_seq_one_letter_code
_entity_poly.pdbx_strand_id
1 'polypeptide(L)'
;QIQPKPGFCVKTNSSEGKVFINICHSPSIPPPADVTEDELLQMLEEDQAGFRIPMSLGEPHAELDAKGQGCTAYDVAVNS
NFYLRMQNSDFLRELVVTIAREGLEDKYGLQLNPEWRMLKYRSFLGSISQQNI
;
A,B
2 'polypeptide(L)' SELD(SEP)DDEF C,D
#
# COMPACT_ATOMS: atom_id res chain seq x y z
N GLN A 1 -7.42 14.96 -31.36
CA GLN A 1 -7.17 14.71 -29.95
C GLN A 1 -6.42 15.85 -29.28
N ILE A 2 -7.14 16.90 -28.85
CA ILE A 2 -6.55 18.07 -28.20
C ILE A 2 -5.72 17.70 -26.96
N GLN A 3 -4.55 18.32 -26.83
CA GLN A 3 -3.60 18.03 -25.75
C GLN A 3 -4.17 18.43 -24.39
N PRO A 4 -4.02 17.57 -23.38
CA PRO A 4 -4.64 17.78 -22.06
C PRO A 4 -3.85 18.72 -21.19
N LYS A 5 -4.56 19.38 -20.29
CA LYS A 5 -3.99 20.41 -19.42
C LYS A 5 -4.03 19.90 -17.99
N PRO A 6 -3.08 20.34 -17.15
CA PRO A 6 -2.92 19.72 -15.83
C PRO A 6 -4.16 19.88 -14.99
N GLY A 7 -4.32 19.05 -13.98
CA GLY A 7 -5.52 19.11 -13.19
C GLY A 7 -5.18 19.32 -11.75
N PHE A 8 -5.11 18.22 -11.02
CA PHE A 8 -4.33 18.21 -9.79
C PHE A 8 -3.22 17.15 -9.87
N CYS A 9 -2.80 16.63 -8.72
CA CYS A 9 -1.64 15.75 -8.67
C CYS A 9 -1.57 14.92 -7.39
N VAL A 10 -2.09 13.69 -7.44
CA VAL A 10 -2.18 12.77 -6.30
C VAL A 10 -0.82 12.19 -5.89
N LYS A 11 -0.59 11.98 -4.58
CA LYS A 11 0.60 11.23 -4.10
C LYS A 11 0.28 9.91 -3.36
N THR A 12 0.78 8.79 -3.90
CA THR A 12 0.67 7.47 -3.27
C THR A 12 2.03 6.74 -3.26
N ASN A 13 1.99 5.43 -3.12
CA ASN A 13 3.22 4.64 -3.13
C ASN A 13 3.05 3.24 -3.65
N SER A 14 4.12 2.73 -4.24
CA SER A 14 4.24 1.32 -4.59
C SER A 14 4.87 0.62 -3.39
N SER A 15 4.89 -0.70 -3.39
CA SER A 15 5.63 -1.40 -2.36
C SER A 15 7.13 -1.15 -2.54
N GLU A 16 7.48 -0.55 -3.68
CA GLU A 16 8.87 -0.29 -4.05
C GLU A 16 9.27 1.19 -3.99
N GLY A 17 8.31 2.12 -3.94
CA GLY A 17 8.61 3.54 -3.75
C GLY A 17 7.45 4.51 -3.82
N LYS A 18 7.74 5.80 -3.99
CA LYS A 18 6.68 6.78 -4.22
C LYS A 18 6.16 6.62 -5.63
N VAL A 19 4.93 7.05 -5.84
CA VAL A 19 4.35 7.01 -7.17
C VAL A 19 3.30 8.11 -7.28
N PHE A 20 3.33 8.85 -8.38
CA PHE A 20 2.47 10.02 -8.56
C PHE A 20 1.52 9.95 -9.77
N ILE A 21 0.23 10.23 -9.55
CA ILE A 21 -0.73 10.34 -10.66
C ILE A 21 -1.16 11.80 -10.90
N ASN A 22 -0.71 12.37 -12.01
CA ASN A 22 -1.21 13.66 -12.43
C ASN A 22 -2.58 13.46 -13.04
N ILE A 23 -3.63 13.69 -12.27
CA ILE A 23 -4.96 13.68 -12.84
C ILE A 23 -5.10 14.84 -13.82
N CYS A 24 -5.23 14.59 -15.11
CA CYS A 24 -5.36 15.69 -16.05
C CYS A 24 -6.72 15.74 -16.70
N HIS A 25 -6.80 16.43 -17.83
CA HIS A 25 -8.06 16.49 -18.54
C HIS A 25 -7.95 17.22 -19.85
N SER A 26 -8.77 16.77 -20.78
CA SER A 26 -8.90 17.42 -22.06
C SER A 26 -10.35 17.23 -22.41
N PRO A 27 -10.91 18.15 -23.17
CA PRO A 27 -12.34 18.05 -23.46
C PRO A 27 -12.58 17.01 -24.52
N SER A 28 -11.55 16.62 -25.26
CA SER A 28 -11.74 15.68 -26.36
C SER A 28 -11.90 14.21 -25.91
N ILE A 29 -11.63 13.94 -24.63
CA ILE A 29 -11.93 12.65 -24.03
C ILE A 29 -13.41 12.61 -23.70
N PRO A 30 -14.07 11.48 -23.95
CA PRO A 30 -15.48 11.32 -23.59
C PRO A 30 -15.75 11.43 -22.08
N PRO A 31 -17.01 11.76 -21.74
CA PRO A 31 -17.58 11.88 -20.39
C PRO A 31 -18.72 10.90 -20.11
N PRO A 32 -19.02 10.64 -18.83
CA PRO A 32 -20.07 9.68 -18.40
C PRO A 32 -21.51 10.14 -17.93
N ALA A 33 -21.97 11.35 -18.21
CA ALA A 33 -23.20 11.86 -17.53
C ALA A 33 -24.50 11.08 -17.76
N ASP A 34 -25.16 10.67 -16.68
CA ASP A 34 -24.70 10.92 -15.32
C ASP A 34 -24.80 9.66 -14.46
N PHE A 51 -19.00 0.80 -12.50
CA PHE A 51 -19.37 1.96 -13.32
C PHE A 51 -18.17 2.62 -13.98
N ARG A 52 -18.36 3.08 -15.23
CA ARG A 52 -17.24 3.44 -16.12
C ARG A 52 -16.95 4.92 -16.34
N ILE A 53 -15.71 5.32 -16.06
CA ILE A 53 -15.21 6.65 -16.36
C ILE A 53 -14.12 6.59 -17.43
N PRO A 54 -14.42 7.04 -18.65
CA PRO A 54 -13.41 7.07 -19.70
C PRO A 54 -12.24 7.95 -19.32
N MET A 55 -11.14 7.34 -18.92
CA MET A 55 -9.92 8.08 -18.74
C MET A 55 -8.91 7.51 -19.70
N SER A 56 -7.65 7.92 -19.58
CA SER A 56 -6.68 7.47 -20.55
C SER A 56 -5.32 7.41 -19.93
N LEU A 57 -4.87 6.19 -19.69
CA LEU A 57 -3.67 5.95 -18.93
C LEU A 57 -2.44 6.14 -19.81
N GLY A 58 -1.46 6.89 -19.33
CA GLY A 58 -0.29 7.20 -20.12
C GLY A 58 0.94 6.60 -19.51
N GLU A 59 2.10 6.94 -20.06
CA GLU A 59 3.36 6.27 -19.76
C GLU A 59 4.04 6.80 -18.51
N PRO A 60 4.99 6.03 -17.93
CA PRO A 60 5.73 6.52 -16.76
C PRO A 60 6.70 7.67 -17.08
N HIS A 61 6.93 8.54 -16.11
CA HIS A 61 8.07 9.45 -16.16
C HIS A 61 8.62 9.70 -14.78
N ALA A 62 9.93 9.72 -14.71
CA ALA A 62 10.60 9.79 -13.43
C ALA A 62 10.73 11.23 -13.03
N GLU A 63 10.34 11.51 -11.79
CA GLU A 63 10.43 12.84 -11.23
C GLU A 63 11.07 12.76 -9.85
N LEU A 64 11.78 13.82 -9.46
CA LEU A 64 12.42 13.89 -8.15
C LEU A 64 11.46 14.37 -7.07
N ASP A 65 11.51 13.74 -5.90
CA ASP A 65 10.71 14.21 -4.78
C ASP A 65 11.38 15.42 -4.17
N ALA A 66 10.91 15.82 -2.99
CA ALA A 66 11.42 17.03 -2.35
C ALA A 66 12.86 16.82 -1.92
N LYS A 67 13.18 15.61 -1.44
CA LYS A 67 14.48 15.37 -0.85
C LYS A 67 15.50 15.03 -1.92
N GLY A 68 15.11 15.28 -3.17
CA GLY A 68 15.98 15.05 -4.30
C GLY A 68 16.18 13.57 -4.64
N GLN A 69 15.06 12.86 -4.77
CA GLN A 69 15.10 11.43 -4.99
C GLN A 69 14.00 10.99 -5.92
N GLY A 70 14.37 10.40 -7.05
CA GLY A 70 13.43 10.14 -8.14
C GLY A 70 12.22 9.31 -7.78
N CYS A 71 11.09 9.60 -8.43
CA CYS A 71 9.87 8.82 -8.29
C CYS A 71 9.33 8.39 -9.63
N THR A 72 8.08 7.96 -9.65
CA THR A 72 7.47 7.56 -10.89
C THR A 72 6.18 8.33 -11.03
N ALA A 73 5.97 8.93 -12.19
CA ALA A 73 4.78 9.76 -12.39
C ALA A 73 3.95 9.20 -13.54
N TYR A 74 2.62 9.34 -13.47
CA TYR A 74 1.77 8.89 -14.55
C TYR A 74 0.66 9.88 -14.81
N ASP A 75 0.53 10.39 -16.04
CA ASP A 75 -0.64 11.25 -16.28
C ASP A 75 -1.87 10.51 -16.83
N VAL A 76 -2.90 10.47 -16.00
CA VAL A 76 -4.20 9.97 -16.39
C VAL A 76 -5.04 11.16 -16.86
N ALA A 77 -5.85 11.00 -17.90
CA ALA A 77 -6.62 12.11 -18.45
C ALA A 77 -8.12 11.82 -18.62
N VAL A 78 -8.99 12.73 -18.20
CA VAL A 78 -10.43 12.56 -18.37
C VAL A 78 -11.08 13.76 -19.08
N ASN A 79 -12.38 13.71 -19.29
CA ASN A 79 -13.06 14.82 -19.97
C ASN A 79 -13.06 16.07 -19.13
N SER A 80 -12.60 17.17 -19.71
CA SER A 80 -12.43 18.41 -18.96
C SER A 80 -13.73 18.86 -18.32
N ASN A 81 -14.78 18.99 -19.12
CA ASN A 81 -16.03 19.56 -18.65
C ASN A 81 -16.69 18.71 -17.58
N PHE A 82 -16.04 17.61 -17.25
CA PHE A 82 -16.46 16.70 -16.20
C PHE A 82 -15.49 16.93 -15.07
N TYR A 83 -14.24 17.14 -15.44
CA TYR A 83 -13.19 17.32 -14.49
C TYR A 83 -13.52 18.49 -13.57
N LEU A 84 -14.06 19.55 -14.16
CA LEU A 84 -14.40 20.75 -13.42
C LEU A 84 -15.42 20.38 -12.37
N ARG A 85 -16.43 19.62 -12.77
CA ARG A 85 -17.39 19.10 -11.83
C ARG A 85 -16.66 18.34 -10.75
N MET A 86 -16.01 17.27 -11.18
CA MET A 86 -15.46 16.26 -10.28
C MET A 86 -14.58 16.78 -9.14
N GLN A 87 -13.81 17.82 -9.42
CA GLN A 87 -12.84 18.28 -8.42
C GLN A 87 -13.49 18.78 -7.14
N ASN A 88 -14.71 19.28 -7.24
CA ASN A 88 -15.41 19.82 -6.07
C ASN A 88 -16.16 18.77 -5.25
N SER A 89 -15.93 17.50 -5.56
CA SER A 89 -16.65 16.43 -4.90
C SER A 89 -15.72 15.42 -4.26
N ASP A 90 -15.63 15.47 -2.93
CA ASP A 90 -14.76 14.60 -2.14
C ASP A 90 -15.02 13.17 -2.51
N PHE A 91 -16.25 12.95 -2.94
CA PHE A 91 -16.61 11.67 -3.49
C PHE A 91 -15.91 11.51 -4.81
N LEU A 92 -16.47 12.16 -5.84
CA LEU A 92 -16.01 11.98 -7.21
C LEU A 92 -14.50 11.90 -7.29
N ARG A 93 -13.84 12.91 -6.75
CA ARG A 93 -12.40 12.89 -6.67
C ARG A 93 -11.90 11.55 -6.17
N GLU A 94 -12.49 11.08 -5.08
CA GLU A 94 -12.08 9.85 -4.43
C GLU A 94 -12.38 8.66 -5.34
N LEU A 95 -13.44 8.76 -6.10
CA LEU A 95 -13.76 7.70 -7.06
C LEU A 95 -12.74 7.62 -8.19
N VAL A 96 -12.72 8.67 -9.02
CA VAL A 96 -11.76 8.85 -10.10
C VAL A 96 -10.34 8.38 -9.79
N VAL A 97 -9.81 8.81 -8.65
CA VAL A 97 -8.47 8.41 -8.27
C VAL A 97 -8.41 6.91 -8.14
N THR A 98 -9.49 6.33 -7.65
CA THR A 98 -9.52 4.90 -7.48
C THR A 98 -9.52 4.21 -8.86
N ILE A 99 -10.47 4.57 -9.71
CA ILE A 99 -10.47 4.13 -11.11
C ILE A 99 -9.12 4.35 -11.79
N ALA A 100 -8.44 5.43 -11.43
CA ALA A 100 -7.15 5.73 -12.05
C ALA A 100 -6.09 4.77 -11.54
N ARG A 101 -6.05 4.57 -10.22
CA ARG A 101 -5.03 3.72 -9.59
C ARG A 101 -5.19 2.29 -10.04
N GLU A 102 -6.42 1.79 -9.92
CA GLU A 102 -6.75 0.45 -10.36
C GLU A 102 -6.32 0.34 -11.80
N GLY A 103 -6.76 1.29 -12.61
CA GLY A 103 -6.49 1.26 -14.04
C GLY A 103 -5.01 1.17 -14.29
N LEU A 104 -4.29 2.10 -13.69
CA LEU A 104 -2.85 2.22 -13.86
C LEU A 104 -2.12 0.96 -13.47
N GLU A 105 -2.71 0.16 -12.59
CA GLU A 105 -2.07 -1.07 -12.13
C GLU A 105 -2.16 -2.16 -13.20
N ASP A 106 -3.36 -2.42 -13.68
CA ASP A 106 -3.62 -3.45 -14.68
C ASP A 106 -2.72 -3.27 -15.90
N LYS A 107 -2.47 -2.01 -16.24
CA LYS A 107 -1.67 -1.68 -17.40
C LYS A 107 -0.18 -1.81 -17.12
N TYR A 108 0.21 -1.76 -15.86
CA TYR A 108 1.63 -1.78 -15.49
C TYR A 108 2.01 -2.74 -14.35
N GLY A 109 1.02 -3.46 -13.84
CA GLY A 109 1.26 -4.51 -12.85
C GLY A 109 1.85 -4.00 -11.54
N LEU A 110 1.00 -3.44 -10.70
CA LEU A 110 1.47 -2.73 -9.51
C LEU A 110 0.66 -2.95 -8.23
N GLN A 111 1.36 -2.80 -7.12
CA GLN A 111 0.72 -2.72 -5.82
C GLN A 111 0.72 -1.24 -5.49
N LEU A 112 -0.47 -0.63 -5.41
CA LEU A 112 -0.54 0.80 -5.13
C LEU A 112 -1.44 1.12 -3.96
N ASN A 113 -0.95 1.93 -3.03
CA ASN A 113 -1.73 2.34 -1.88
C ASN A 113 -3.03 3.04 -2.26
N PRO A 114 -4.16 2.56 -1.73
CA PRO A 114 -5.46 3.17 -1.98
C PRO A 114 -5.70 4.35 -1.05
N GLU A 115 -4.75 4.58 -0.16
CA GLU A 115 -4.76 5.74 0.71
C GLU A 115 -3.79 6.74 0.10
N TRP A 116 -4.32 7.83 -0.45
CA TRP A 116 -3.49 8.80 -1.15
C TRP A 116 -3.57 10.18 -0.54
N ARG A 117 -2.76 11.09 -1.07
CA ARG A 117 -2.76 12.48 -0.63
C ARG A 117 -2.66 13.44 -1.84
N MET A 118 -3.22 14.64 -1.69
CA MET A 118 -3.24 15.62 -2.78
C MET A 118 -2.31 16.80 -2.49
N LEU A 119 -1.42 17.09 -3.43
CA LEU A 119 -0.41 18.10 -3.20
C LEU A 119 -1.04 19.49 -3.21
N LYS A 120 -0.68 20.29 -2.21
CA LYS A 120 -1.31 21.59 -2.01
C LYS A 120 -0.78 22.66 -2.96
N TYR A 121 0.53 22.68 -3.20
CA TYR A 121 1.13 23.78 -3.95
C TYR A 121 1.60 23.38 -5.32
N ARG A 122 0.78 22.60 -6.01
CA ARG A 122 1.17 22.08 -7.29
C ARG A 122 0.00 21.46 -8.05
N SER A 123 0.07 21.50 -9.36
CA SER A 123 -0.99 20.91 -10.15
C SER A 123 -0.52 19.75 -11.04
N PHE A 124 0.76 19.40 -10.94
CA PHE A 124 1.37 18.45 -11.85
C PHE A 124 2.83 18.24 -11.51
N LEU A 125 3.31 16.99 -11.58
CA LEU A 125 4.72 16.69 -11.39
C LEU A 125 5.43 16.50 -12.73
N GLY A 126 6.46 17.29 -13.00
CA GLY A 126 7.17 17.18 -14.28
C GLY A 126 6.64 18.07 -15.40
N SER A 127 7.24 17.95 -16.58
CA SER A 127 6.82 18.74 -17.73
C SER A 127 5.64 18.09 -18.46
N GLN B 3 10.86 -14.79 -3.07
CA GLN B 3 10.93 -13.95 -1.88
C GLN B 3 9.77 -12.96 -1.86
N PRO B 4 9.24 -12.69 -0.66
CA PRO B 4 8.18 -11.70 -0.44
C PRO B 4 8.73 -10.41 0.17
N LYS B 5 8.01 -9.29 -0.02
CA LYS B 5 8.44 -7.97 0.46
C LYS B 5 7.99 -7.72 1.90
N PRO B 6 8.82 -6.99 2.68
CA PRO B 6 8.55 -6.64 4.07
C PRO B 6 7.23 -5.93 4.25
N GLY B 7 6.54 -6.23 5.33
CA GLY B 7 5.27 -5.57 5.65
C GLY B 7 5.40 -4.86 6.98
N PHE B 8 4.75 -5.39 8.02
CA PHE B 8 4.99 -4.89 9.38
C PHE B 8 5.56 -5.99 10.28
N CYS B 9 5.85 -5.65 11.53
CA CYS B 9 6.42 -6.64 12.44
C CYS B 9 5.68 -6.73 13.75
N VAL B 10 4.93 -7.81 13.94
CA VAL B 10 4.20 -8.02 15.18
C VAL B 10 5.09 -8.64 16.23
N LYS B 11 5.07 -8.07 17.44
CA LYS B 11 5.85 -8.61 18.54
C LYS B 11 4.97 -9.16 19.67
N THR B 12 5.23 -10.41 20.05
CA THR B 12 4.47 -11.08 21.09
C THR B 12 5.37 -12.08 21.77
N ASN B 13 5.08 -12.43 23.01
CA ASN B 13 5.85 -13.49 23.64
C ASN B 13 5.21 -14.82 23.33
N SER B 14 5.79 -15.91 23.82
CA SER B 14 5.34 -17.24 23.44
C SER B 14 5.20 -18.15 24.64
N SER B 15 5.21 -17.55 25.83
CA SER B 15 5.24 -18.30 27.07
C SER B 15 6.48 -19.21 27.17
N GLU B 16 7.46 -18.96 26.31
CA GLU B 16 8.80 -19.55 26.45
C GLU B 16 9.84 -18.59 25.88
N GLY B 17 9.40 -17.62 25.08
CA GLY B 17 10.31 -16.65 24.47
C GLY B 17 9.69 -15.50 23.70
N LYS B 18 10.55 -14.61 23.22
CA LYS B 18 10.13 -13.47 22.41
C LYS B 18 9.82 -13.97 21.01
N VAL B 19 8.62 -13.70 20.52
CA VAL B 19 8.29 -14.06 19.15
C VAL B 19 7.83 -12.89 18.27
N PHE B 20 8.63 -12.60 17.25
CA PHE B 20 8.22 -11.64 16.24
C PHE B 20 7.57 -12.34 15.03
N ILE B 21 6.39 -11.87 14.67
CA ILE B 21 5.75 -12.32 13.44
C ILE B 21 6.00 -11.28 12.35
N ASN B 22 7.02 -11.52 11.53
CA ASN B 22 7.28 -10.70 10.34
C ASN B 22 6.13 -10.87 9.34
N ILE B 23 5.11 -10.02 9.43
CA ILE B 23 3.98 -10.03 8.50
C ILE B 23 4.35 -9.38 7.16
N CYS B 24 4.68 -10.20 6.17
CA CYS B 24 5.10 -9.70 4.86
C CYS B 24 4.04 -9.97 3.81
N HIS B 25 4.32 -9.63 2.56
CA HIS B 25 3.30 -9.78 1.53
C HIS B 25 3.89 -10.12 0.18
N SER B 26 3.12 -10.82 -0.65
CA SER B 26 3.59 -11.18 -1.98
C SER B 26 2.45 -11.55 -2.91
N PRO B 27 2.48 -11.01 -4.16
CA PRO B 27 1.40 -11.14 -5.14
C PRO B 27 1.03 -12.59 -5.43
N SER B 28 2.01 -13.47 -5.27
CA SER B 28 1.87 -14.90 -5.53
C SER B 28 0.74 -15.51 -4.71
N ILE B 29 0.78 -15.25 -3.40
CA ILE B 29 -0.31 -15.54 -2.50
C ILE B 29 -1.61 -14.99 -3.08
N PRO B 30 -2.68 -15.81 -3.06
CA PRO B 30 -4.01 -15.34 -3.45
C PRO B 30 -4.58 -14.39 -2.40
N PRO B 31 -5.44 -13.47 -2.81
CA PRO B 31 -6.17 -12.64 -1.84
C PRO B 31 -7.49 -13.33 -1.46
N PRO B 32 -8.28 -12.73 -0.54
CA PRO B 32 -9.57 -13.32 -0.17
C PRO B 32 -10.88 -12.49 -0.32
N ALA B 33 -10.81 -11.15 -0.42
CA ALA B 33 -12.04 -10.33 -0.27
C ALA B 33 -12.76 -9.89 -1.55
N ASP B 34 -13.29 -8.66 -1.53
CA ASP B 34 -14.07 -8.11 -2.65
C ASP B 34 -15.15 -9.07 -3.14
N GLY B 50 -16.96 -20.04 7.46
CA GLY B 50 -15.98 -19.63 8.46
C GLY B 50 -14.75 -18.99 7.83
N PHE B 51 -14.66 -17.66 7.98
CA PHE B 51 -13.62 -16.85 7.33
C PHE B 51 -12.17 -17.30 7.60
N ARG B 52 -11.45 -17.58 6.51
CA ARG B 52 -10.02 -17.86 6.57
C ARG B 52 -9.26 -16.92 5.61
N ILE B 53 -7.96 -16.80 5.81
CA ILE B 53 -7.15 -15.91 4.97
C ILE B 53 -5.93 -16.61 4.41
N PRO B 54 -5.76 -16.53 3.08
CA PRO B 54 -4.62 -17.10 2.38
C PRO B 54 -3.31 -16.45 2.83
N MET B 55 -2.48 -17.24 3.49
CA MET B 55 -1.18 -16.78 3.94
C MET B 55 -0.25 -17.93 4.16
N SER B 56 0.99 -17.77 3.72
CA SER B 56 2.05 -18.73 3.99
C SER B 56 2.37 -18.71 5.46
N LEU B 57 2.96 -19.79 5.96
CA LEU B 57 3.42 -19.84 7.34
C LEU B 57 4.91 -20.23 7.31
N GLY B 58 5.79 -19.23 7.39
CA GLY B 58 7.22 -19.46 7.25
C GLY B 58 7.87 -20.38 8.27
N GLU B 59 9.15 -20.66 8.05
CA GLU B 59 9.93 -21.53 8.91
C GLU B 59 10.70 -20.65 9.87
N PRO B 60 10.78 -21.05 11.15
CA PRO B 60 11.43 -20.22 12.18
C PRO B 60 12.88 -19.83 11.86
N HIS B 61 13.25 -18.59 12.17
CA HIS B 61 14.65 -18.17 12.10
C HIS B 61 15.02 -17.40 13.34
N ALA B 62 16.22 -17.68 13.83
CA ALA B 62 16.71 -17.05 15.04
C ALA B 62 17.13 -15.63 14.72
N GLU B 63 16.56 -14.65 15.42
CA GLU B 63 16.98 -13.26 15.28
C GLU B 63 17.28 -12.70 16.66
N LEU B 64 18.15 -11.69 16.72
CA LEU B 64 18.53 -11.05 17.99
C LEU B 64 17.63 -9.86 18.29
N ASP B 65 17.13 -9.78 19.51
CA ASP B 65 16.29 -8.66 19.85
C ASP B 65 17.14 -7.40 19.93
N ALA B 66 16.54 -6.30 20.39
CA ALA B 66 17.24 -5.02 20.42
C ALA B 66 18.26 -5.05 21.52
N LYS B 67 17.92 -5.73 22.60
CA LYS B 67 18.83 -5.89 23.74
C LYS B 67 20.12 -6.55 23.29
N GLY B 68 20.01 -7.78 22.79
CA GLY B 68 21.18 -8.50 22.34
C GLY B 68 21.05 -9.96 22.64
N GLN B 69 19.80 -10.38 22.86
CA GLN B 69 19.51 -11.76 23.17
C GLN B 69 18.63 -12.30 22.05
N GLY B 70 18.87 -13.55 21.69
CA GLY B 70 18.22 -14.13 20.53
C GLY B 70 16.77 -14.43 20.77
N CYS B 71 16.04 -14.66 19.68
CA CYS B 71 14.64 -15.02 19.77
C CYS B 71 14.18 -15.53 18.43
N THR B 72 12.93 -15.93 18.38
CA THR B 72 12.40 -16.62 17.22
C THR B 72 11.55 -15.71 16.39
N ALA B 73 11.91 -15.53 15.14
CA ALA B 73 11.06 -14.78 14.25
C ALA B 73 10.39 -15.75 13.28
N TYR B 74 9.18 -15.43 12.84
CA TYR B 74 8.48 -16.23 11.83
C TYR B 74 8.01 -15.33 10.69
N ASP B 75 8.33 -15.70 9.46
CA ASP B 75 7.98 -14.93 8.25
C ASP B 75 6.64 -15.37 7.61
N VAL B 76 5.56 -14.68 7.95
CA VAL B 76 4.22 -14.99 7.41
C VAL B 76 3.80 -14.01 6.29
N ALA B 77 3.40 -14.51 5.13
CA ALA B 77 3.11 -13.64 3.99
C ALA B 77 1.69 -13.75 3.39
N VAL B 78 0.97 -12.62 3.33
CA VAL B 78 -0.34 -12.62 2.68
C VAL B 78 -0.27 -11.99 1.29
N ASN B 79 -1.39 -12.05 0.58
CA ASN B 79 -1.47 -11.44 -0.74
C ASN B 79 -1.00 -10.00 -0.68
N SER B 80 -0.06 -9.64 -1.54
CA SER B 80 0.50 -8.30 -1.51
C SER B 80 -0.51 -7.20 -1.85
N ASN B 81 -1.19 -7.30 -2.99
CA ASN B 81 -2.15 -6.26 -3.40
C ASN B 81 -3.22 -6.07 -2.33
N PHE B 82 -3.72 -7.17 -1.80
CA PHE B 82 -4.62 -7.13 -0.67
C PHE B 82 -4.01 -6.35 0.49
N TYR B 83 -2.77 -6.70 0.84
CA TYR B 83 -2.11 -6.15 2.01
C TYR B 83 -2.04 -4.61 2.11
N LEU B 84 -1.68 -3.95 1.01
CA LEU B 84 -1.68 -2.48 0.98
C LEU B 84 -3.06 -1.88 1.23
N ARG B 85 -4.11 -2.71 1.12
CA ARG B 85 -5.48 -2.28 1.45
C ARG B 85 -5.73 -2.38 2.95
N MET B 86 -5.12 -3.40 3.56
CA MET B 86 -5.38 -3.71 4.97
C MET B 86 -4.41 -3.00 5.91
N GLN B 87 -3.32 -2.47 5.38
CA GLN B 87 -2.39 -1.73 6.21
C GLN B 87 -2.94 -0.34 6.60
N ASN B 88 -4.16 -0.03 6.16
CA ASN B 88 -4.80 1.23 6.52
C ASN B 88 -5.94 0.99 7.50
N SER B 89 -6.34 -0.26 7.64
CA SER B 89 -7.45 -0.59 8.51
C SER B 89 -6.99 -1.28 9.78
N ASP B 90 -7.04 -0.56 10.90
CA ASP B 90 -6.66 -1.12 12.21
C ASP B 90 -7.44 -2.38 12.49
N PHE B 91 -8.63 -2.45 11.91
CA PHE B 91 -9.49 -3.59 12.13
C PHE B 91 -9.00 -4.84 11.39
N LEU B 92 -8.74 -4.70 10.09
CA LEU B 92 -8.17 -5.78 9.29
C LEU B 92 -6.84 -6.19 9.88
N ARG B 93 -5.99 -5.20 10.11
CA ARG B 93 -4.71 -5.33 10.84
C ARG B 93 -4.84 -6.40 11.93
N GLU B 94 -5.65 -6.10 12.95
CA GLU B 94 -5.83 -7.01 14.08
C GLU B 94 -6.33 -8.41 13.66
N LEU B 95 -7.12 -8.44 12.60
CA LEU B 95 -7.78 -9.68 12.20
C LEU B 95 -6.78 -10.70 11.62
N VAL B 96 -5.82 -10.19 10.86
CA VAL B 96 -4.77 -11.01 10.26
C VAL B 96 -3.80 -11.56 11.31
N VAL B 97 -3.42 -10.72 12.27
CA VAL B 97 -2.42 -11.10 13.25
C VAL B 97 -2.90 -12.26 14.14
N THR B 98 -4.14 -12.20 14.59
CA THR B 98 -4.69 -13.30 15.37
C THR B 98 -4.61 -14.62 14.58
N ILE B 99 -5.13 -14.58 13.35
CA ILE B 99 -5.12 -15.75 12.45
C ILE B 99 -3.75 -16.41 12.34
N ALA B 100 -2.75 -15.61 11.97
CA ALA B 100 -1.41 -16.08 11.72
C ALA B 100 -0.82 -16.70 12.98
N ARG B 101 -1.11 -16.06 14.11
CA ARG B 101 -0.62 -16.52 15.40
C ARG B 101 -1.14 -17.94 15.63
N GLU B 102 -2.36 -18.20 15.17
CA GLU B 102 -2.98 -19.50 15.30
C GLU B 102 -2.52 -20.47 14.20
N GLY B 103 -1.84 -19.95 13.19
CA GLY B 103 -1.24 -20.79 12.18
C GLY B 103 0.09 -21.30 12.72
N LEU B 104 0.78 -20.44 13.45
CA LEU B 104 2.07 -20.82 14.02
C LEU B 104 1.84 -21.71 15.23
N GLU B 105 0.64 -21.61 15.80
CA GLU B 105 0.27 -22.49 16.89
C GLU B 105 -0.17 -23.84 16.32
N ASP B 106 -0.92 -23.81 15.22
CA ASP B 106 -1.44 -25.03 14.62
C ASP B 106 -0.40 -25.76 13.79
N LYS B 107 0.87 -25.42 13.98
CA LYS B 107 1.93 -26.01 13.19
C LYS B 107 3.19 -26.21 14.02
N TYR B 108 3.23 -25.59 15.19
CA TYR B 108 4.40 -25.66 16.03
C TYR B 108 4.02 -25.67 17.50
N GLY B 109 2.73 -25.67 17.77
CA GLY B 109 2.26 -25.64 19.14
C GLY B 109 2.46 -24.25 19.70
N LEU B 110 3.64 -24.00 20.25
CA LEU B 110 4.05 -22.66 20.69
C LEU B 110 3.19 -22.02 21.79
N GLN B 111 1.88 -22.02 21.58
CA GLN B 111 0.93 -21.34 22.47
C GLN B 111 1.36 -19.89 22.67
N LEU B 112 1.47 -19.18 21.55
CA LEU B 112 1.83 -17.76 21.57
C LEU B 112 0.94 -16.94 22.47
N ASN B 113 1.54 -15.92 23.05
CA ASN B 113 0.81 -14.91 23.76
C ASN B 113 0.09 -13.98 22.77
N PRO B 114 -1.14 -13.61 23.10
CA PRO B 114 -1.96 -12.72 22.26
C PRO B 114 -1.82 -11.25 22.62
N GLU B 115 -1.24 -10.94 23.78
CA GLU B 115 -0.97 -9.55 24.12
C GLU B 115 0.21 -9.06 23.29
N TRP B 116 -0.03 -8.86 22.00
CA TRP B 116 1.05 -8.56 21.10
C TRP B 116 1.07 -7.10 20.75
N ARG B 117 2.23 -6.62 20.36
CA ARG B 117 2.40 -5.23 20.01
C ARG B 117 2.86 -5.18 18.57
N MET B 118 2.43 -4.15 17.85
CA MET B 118 2.97 -3.92 16.53
C MET B 118 4.03 -2.83 16.68
N LEU B 119 5.25 -3.14 16.28
CA LEU B 119 6.35 -2.18 16.41
C LEU B 119 6.07 -0.97 15.55
N LYS B 120 6.39 0.23 16.04
CA LYS B 120 6.20 1.45 15.27
C LYS B 120 7.28 1.54 14.17
N TYR B 121 8.53 1.35 14.57
CA TYR B 121 9.65 1.48 13.63
C TYR B 121 9.85 0.24 12.77
N ARG B 122 10.18 -0.89 13.41
CA ARG B 122 10.56 -2.10 12.68
C ARG B 122 9.44 -2.68 11.82
N SER B 123 9.81 -3.09 10.61
CA SER B 123 8.91 -3.81 9.70
C SER B 123 9.37 -5.25 9.38
N PHE B 124 10.43 -5.70 10.07
CA PHE B 124 11.04 -7.00 9.82
C PHE B 124 12.12 -7.30 10.89
N LEU B 125 12.56 -8.56 10.96
CA LEU B 125 13.84 -8.93 11.56
C LEU B 125 14.66 -9.69 10.51
N GLY B 126 15.59 -9.00 9.88
CA GLY B 126 16.06 -9.30 8.52
C GLY B 126 16.43 -10.70 8.09
N SER B 127 15.61 -11.27 7.18
CA SER B 127 15.86 -12.58 6.55
C SER B 127 14.66 -13.09 5.76
N ILE B 128 14.23 -12.35 4.75
CA ILE B 128 13.15 -12.84 3.88
C ILE B 128 13.66 -14.03 3.05
N SER B 129 12.76 -14.89 2.59
CA SER B 129 13.14 -16.07 1.80
C SER B 129 11.99 -16.66 0.93
N SER C 1 -5.66 18.83 5.56
CA SER C 1 -5.45 19.70 6.72
C SER C 1 -3.97 19.92 7.03
N GLU C 2 -3.19 18.83 7.05
CA GLU C 2 -1.77 18.89 7.38
C GLU C 2 -0.89 18.89 6.13
N LEU C 3 0.40 19.16 6.30
CA LEU C 3 1.28 19.36 5.14
C LEU C 3 2.23 18.22 4.82
N ASP C 4 2.20 17.82 3.56
CA ASP C 4 2.90 16.65 3.07
C ASP C 4 4.38 16.91 2.97
N ASP C 6 6.25 16.27 0.68
CA ASP C 6 6.60 16.66 -0.69
C ASP C 6 5.84 17.92 -1.08
N ASP C 7 5.20 18.53 -0.10
CA ASP C 7 4.68 19.87 -0.26
C ASP C 7 5.75 20.91 0.06
N GLU C 8 6.87 20.46 0.62
CA GLU C 8 7.89 21.39 1.06
C GLU C 8 8.75 21.91 -0.10
N PHE C 9 8.25 21.75 -1.33
CA PHE C 9 8.92 22.30 -2.52
C PHE C 9 7.99 22.50 -3.72
N ASP D 4 8.55 1.06 23.23
CA ASP D 4 8.84 -0.37 23.17
C ASP D 4 10.36 -0.59 23.28
N ASP D 6 12.06 -2.85 21.59
CA ASP D 6 12.57 -3.11 20.24
C ASP D 6 11.80 -2.26 19.23
N ASP D 7 12.49 -1.27 18.67
CA ASP D 7 11.91 -0.26 17.79
C ASP D 7 12.95 0.81 17.44
#